data_5VMW
#
_entry.id   5VMW
#
_cell.length_a   44.341
_cell.length_b   184.149
_cell.length_c   105.189
_cell.angle_alpha   90.00
_cell.angle_beta   90.00
_cell.angle_gamma   90.00
#
_symmetry.space_group_name_H-M   'C 2 2 2'
#
loop_
_entity.id
_entity.type
_entity.pdbx_description
1 polymer 'Transcriptional regulator Kaiso'
2 polymer "DNA (5'-D(*TP*GP*CP*TP*TP*CP*CP*(5CM)P*GP*(5CM)P*GP*AP*AP*TP*AP*AP*CP*G)-3')"
3 polymer "DNA (5'-D(*CP*GP*TP*TP*AP*TP*TP*(5CM)P*GP*(5CM)P*GP*GP*GP*AP*AP*GP*CP*A)-3')"
4 non-polymer 'ZINC ION'
5 non-polymer 'CHLORIDE ION'
6 water water
#
loop_
_entity_poly.entity_id
_entity_poly.type
_entity_poly.pdbx_seq_one_letter_code
_entity_poly.pdbx_strand_id
1 'polypeptide(L)'
;MANKRMKVKHDDHYELIVDGRVYYICIVCKRSYVCLTSLRRHFNIHSWEKKYPCRYCEKVFPLAEYRTKHEIHHTGERRY
QCLACGKSFINYQFMSSHIKSVHSQDPSGDSKLYRLHPCRSLQIRQYAYLSDRS
;
A
2 'polydeoxyribonucleotide' (DT)(DG)(DC)(DT)(DT)(DC)(DC)(5CM)(DG)(5CM)(DG)(DA)(DA)(DT)(DA)(DA)(DC)(DG) D
3 'polydeoxyribonucleotide' (DC)(DG)(DT)(DT)(DA)(DT)(DT)(5CM)(DG)(5CM)(DG)(DG)(DG)(DA)(DA)(DG)(DC)(DA) E
#
loop_
_chem_comp.id
_chem_comp.type
_chem_comp.name
_chem_comp.formula
5CM DNA linking 5-METHYL-2'-DEOXY-CYTIDINE-5'-MONOPHOSPHATE 'C10 H16 N3 O7 P'
CL non-polymer 'CHLORIDE ION' 'Cl -1'
DA DNA linking 2'-DEOXYADENOSINE-5'-MONOPHOSPHATE 'C10 H14 N5 O6 P'
DC DNA linking 2'-DEOXYCYTIDINE-5'-MONOPHOSPHATE 'C9 H14 N3 O7 P'
DG DNA linking 2'-DEOXYGUANOSINE-5'-MONOPHOSPHATE 'C10 H14 N5 O7 P'
DT DNA linking THYMIDINE-5'-MONOPHOSPHATE 'C10 H15 N2 O8 P'
ZN non-polymer 'ZINC ION' 'Zn 2'
#
# COMPACT_ATOMS: atom_id res chain seq x y z
N ASP A 11 -22.24 -15.90 -7.64
CA ASP A 11 -21.19 -15.31 -8.44
C ASP A 11 -19.80 -15.57 -7.82
N ASP A 12 -19.32 -14.60 -7.06
CA ASP A 12 -18.02 -14.70 -6.41
C ASP A 12 -18.12 -14.25 -4.96
N HIS A 13 -19.32 -13.85 -4.56
CA HIS A 13 -19.57 -13.38 -3.21
C HIS A 13 -21.03 -13.56 -2.81
N TYR A 14 -21.30 -13.43 -1.52
CA TYR A 14 -22.64 -13.19 -1.04
C TYR A 14 -22.65 -12.00 -0.10
N GLU A 15 -23.84 -11.47 0.15
CA GLU A 15 -23.98 -10.29 0.99
C GLU A 15 -24.52 -10.65 2.36
N LEU A 16 -24.11 -9.86 3.33
CA LEU A 16 -24.51 -10.02 4.71
C LEU A 16 -24.99 -8.66 5.13
N ILE A 17 -26.00 -8.59 5.97
CA ILE A 17 -26.41 -7.29 6.47
C ILE A 17 -26.71 -7.36 7.95
N VAL A 18 -25.87 -6.68 8.73
CA VAL A 18 -26.13 -6.48 10.15
C VAL A 18 -26.34 -5.00 10.43
N ASP A 19 -27.30 -4.70 11.30
CA ASP A 19 -27.77 -3.33 11.47
C ASP A 19 -28.12 -2.81 10.09
N GLY A 20 -27.62 -1.63 9.76
CA GLY A 20 -27.79 -1.12 8.42
C GLY A 20 -26.68 -1.63 7.54
N ARG A 21 -25.56 -1.95 8.18
CA ARG A 21 -24.29 -2.27 7.53
C ARG A 21 -24.37 -3.40 6.50
N VAL A 22 -23.91 -3.12 5.29
CA VAL A 22 -23.78 -4.15 4.27
C VAL A 22 -22.34 -4.65 4.16
N TYR A 23 -22.15 -5.94 4.26
CA TYR A 23 -20.82 -6.50 4.06
C TYR A 23 -20.85 -7.44 2.88
N TYR A 24 -19.75 -7.49 2.14
CA TYR A 24 -19.62 -8.45 1.05
C TYR A 24 -18.65 -9.54 1.45
N ILE A 25 -19.07 -10.79 1.27
CA ILE A 25 -18.33 -11.94 1.78
C ILE A 25 -17.77 -12.79 0.66
N CYS A 26 -16.47 -13.07 0.72
CA CYS A 26 -15.84 -13.90 -0.30
C CYS A 26 -16.40 -15.31 -0.28
N ILE A 27 -16.90 -15.77 -1.42
CA ILE A 27 -17.43 -17.14 -1.52
C ILE A 27 -16.41 -18.20 -1.10
N VAL A 28 -15.15 -17.99 -1.48
CA VAL A 28 -14.11 -18.98 -1.23
C VAL A 28 -13.60 -19.00 0.20
N CYS A 29 -13.12 -17.88 0.71
CA CYS A 29 -12.49 -17.88 2.03
C CYS A 29 -13.34 -17.24 3.11
N LYS A 30 -14.52 -16.75 2.71
CA LYS A 30 -15.46 -16.06 3.61
C LYS A 30 -14.92 -14.80 4.30
N ARG A 31 -13.94 -14.14 3.69
CA ARG A 31 -13.47 -12.86 4.22
C ARG A 31 -14.50 -11.78 3.96
N SER A 32 -14.62 -10.85 4.90
CA SER A 32 -15.61 -9.79 4.82
C SER A 32 -15.07 -8.46 4.27
N TYR A 33 -15.84 -7.80 3.41
CA TYR A 33 -15.41 -6.53 2.82
C TYR A 33 -16.53 -5.49 2.82
N VAL A 34 -16.17 -4.27 3.19
CA VAL A 34 -17.11 -3.16 3.27
C VAL A 34 -17.39 -2.61 1.87
N CYS A 35 -16.43 -2.78 0.97
CA CYS A 35 -16.52 -2.25 -0.38
C CYS A 35 -16.40 -3.41 -1.34
N LEU A 36 -17.18 -3.38 -2.43
CA LEU A 36 -17.12 -4.49 -3.36
C LEU A 36 -15.83 -4.44 -4.19
N THR A 37 -15.33 -3.23 -4.50
CA THR A 37 -14.07 -3.13 -5.24
C THR A 37 -12.97 -3.87 -4.46
N SER A 38 -13.00 -3.75 -3.14
CA SER A 38 -12.07 -4.50 -2.30
C SER A 38 -12.18 -6.02 -2.50
N LEU A 39 -13.39 -6.55 -2.53
CA LEU A 39 -13.55 -8.01 -2.58
C LEU A 39 -13.04 -8.54 -3.90
N ARG A 40 -13.37 -7.84 -4.98
CA ARG A 40 -12.85 -8.19 -6.29
C ARG A 40 -11.34 -8.12 -6.31
N ARG A 41 -10.76 -7.06 -5.75
CA ARG A 41 -9.30 -6.95 -5.71
C ARG A 41 -8.72 -8.17 -5.00
N HIS A 42 -9.36 -8.55 -3.90
CA HIS A 42 -8.91 -9.68 -3.09
C HIS A 42 -9.10 -11.01 -3.81
N PHE A 43 -10.18 -11.10 -4.57
CA PHE A 43 -10.60 -12.39 -5.13
C PHE A 43 -9.62 -12.89 -6.20
N ASN A 44 -8.77 -12.01 -6.72
CA ASN A 44 -7.83 -12.44 -7.75
C ASN A 44 -6.83 -13.44 -7.17
N ILE A 45 -6.62 -13.34 -5.87
CA ILE A 45 -5.77 -14.28 -5.13
C ILE A 45 -6.21 -15.73 -5.29
N HIS A 46 -7.52 -15.94 -5.25
CA HIS A 46 -8.10 -17.24 -5.52
C HIS A 46 -8.16 -17.49 -7.02
N SER A 47 -8.66 -16.47 -7.71
CA SER A 47 -8.97 -16.53 -9.12
C SER A 47 -7.73 -16.67 -10.00
N TRP A 48 -6.75 -15.80 -9.77
CA TRP A 48 -5.58 -15.64 -10.63
C TRP A 48 -5.96 -15.35 -12.07
N GLU A 49 -7.06 -14.65 -12.27
CA GLU A 49 -7.51 -14.40 -13.63
C GLU A 49 -6.72 -13.26 -14.25
N LYS A 50 -6.26 -12.34 -13.41
CA LYS A 50 -5.29 -11.34 -13.85
C LYS A 50 -3.93 -11.64 -13.28
N LYS A 51 -2.91 -11.51 -14.11
CA LYS A 51 -1.54 -11.63 -13.64
C LYS A 51 -0.88 -10.24 -13.60
N TYR A 52 -0.15 -9.98 -12.52
CA TYR A 52 0.72 -8.81 -12.49
C TYR A 52 2.19 -9.24 -12.39
N PRO A 53 2.83 -9.43 -13.55
CA PRO A 53 4.21 -9.92 -13.60
C PRO A 53 5.22 -8.79 -13.36
N CYS A 54 6.28 -9.05 -12.59
CA CYS A 54 7.37 -8.08 -12.42
C CYS A 54 8.13 -7.90 -13.72
N ARG A 55 8.25 -6.66 -14.14
CA ARG A 55 8.93 -6.35 -15.41
C ARG A 55 10.46 -6.35 -15.28
N TYR A 56 10.94 -6.67 -14.09
CA TYR A 56 12.38 -6.71 -13.83
C TYR A 56 12.88 -8.11 -13.58
N CYS A 57 11.97 -9.00 -13.18
CA CYS A 57 12.34 -10.38 -12.96
C CYS A 57 11.17 -11.31 -13.23
N GLU A 58 11.26 -12.50 -12.64
CA GLU A 58 10.33 -13.59 -12.90
C GLU A 58 8.95 -13.37 -12.29
N LYS A 59 8.94 -12.88 -11.06
CA LYS A 59 7.78 -12.96 -10.19
C LYS A 59 6.47 -12.41 -10.76
N VAL A 60 5.38 -13.02 -10.32
CA VAL A 60 4.03 -12.57 -10.67
C VAL A 60 3.26 -12.29 -9.37
N PHE A 61 2.32 -11.33 -9.42
CA PHE A 61 1.54 -10.93 -8.25
C PHE A 61 0.05 -10.87 -8.54
N PRO A 62 -0.80 -11.25 -7.56
CA PRO A 62 -2.26 -11.24 -7.74
C PRO A 62 -2.89 -9.86 -7.55
N LEU A 63 -2.10 -8.88 -7.11
CA LEU A 63 -2.54 -7.50 -6.93
C LEU A 63 -1.55 -6.56 -7.55
N ALA A 64 -2.05 -5.60 -8.29
CA ALA A 64 -1.22 -4.58 -8.90
C ALA A 64 -0.27 -3.92 -7.87
N GLU A 65 -0.80 -3.58 -6.69
CA GLU A 65 0.01 -2.84 -5.71
C GLU A 65 1.14 -3.71 -5.15
N TYR A 66 0.97 -5.04 -5.16
CA TYR A 66 2.02 -5.92 -4.67
C TYR A 66 3.18 -5.85 -5.63
N ARG A 67 2.88 -5.83 -6.94
CA ARG A 67 3.92 -5.72 -7.92
C ARG A 67 4.66 -4.37 -7.80
N THR A 68 3.91 -3.31 -7.53
CA THR A 68 4.47 -1.99 -7.53
C THR A 68 5.45 -1.85 -6.38
N LYS A 69 5.07 -2.31 -5.20
CA LYS A 69 5.99 -2.30 -4.06
C LYS A 69 7.22 -3.14 -4.40
N HIS A 70 7.01 -4.22 -5.14
CA HIS A 70 8.10 -5.10 -5.47
C HIS A 70 9.11 -4.45 -6.43
N GLU A 71 8.59 -3.73 -7.41
CA GLU A 71 9.42 -3.14 -8.43
C GLU A 71 10.25 -1.97 -7.89
N ILE A 72 9.73 -1.28 -6.88
CA ILE A 72 10.48 -0.19 -6.26
C ILE A 72 11.72 -0.72 -5.54
N HIS A 73 11.60 -1.90 -4.94
N HIS A 73 11.60 -1.88 -4.90
CA HIS A 73 12.74 -2.59 -4.36
CA HIS A 73 12.79 -2.56 -4.37
C HIS A 73 13.81 -2.95 -5.42
C HIS A 73 13.85 -2.76 -5.46
N HIS A 74 13.41 -3.08 -6.68
CA HIS A 74 14.38 -3.31 -7.78
C HIS A 74 15.20 -2.02 -8.08
N THR A 75 14.55 -0.86 -8.00
CA THR A 75 15.17 0.36 -8.47
C THR A 75 15.99 1.03 -7.40
N GLY A 76 15.61 0.80 -6.15
CA GLY A 76 16.36 1.33 -5.04
C GLY A 76 15.96 2.72 -4.64
N GLU A 77 15.01 3.29 -5.37
CA GLU A 77 14.50 4.63 -5.04
C GLU A 77 14.08 4.70 -3.58
N ARG A 78 14.33 5.83 -2.93
CA ARG A 78 13.91 6.01 -1.54
C ARG A 78 13.01 7.23 -1.45
N ARG A 79 11.71 6.97 -1.44
CA ARG A 79 10.72 8.03 -1.52
C ARG A 79 10.31 8.58 -0.16
N TYR A 80 10.59 7.86 0.91
CA TYR A 80 10.14 8.33 2.23
C TYR A 80 11.28 9.08 2.92
N GLN A 81 11.07 10.37 3.18
CA GLN A 81 12.16 11.16 3.81
C GLN A 81 11.79 11.73 5.19
N CYS A 82 12.58 11.38 6.20
CA CYS A 82 12.39 11.89 7.55
C CYS A 82 12.69 13.39 7.58
N LEU A 83 11.76 14.17 8.14
CA LEU A 83 11.90 15.61 8.03
C LEU A 83 12.72 16.18 9.18
N ALA A 84 13.10 15.35 10.14
CA ALA A 84 13.85 15.87 11.28
C ALA A 84 15.35 15.87 11.02
N CYS A 85 15.82 14.91 10.23
CA CYS A 85 17.26 14.72 10.04
C CYS A 85 17.64 14.48 8.57
N GLY A 86 16.64 14.31 7.71
CA GLY A 86 16.85 14.17 6.28
C GLY A 86 17.05 12.77 5.70
N LYS A 87 17.18 11.75 6.54
CA LYS A 87 17.34 10.39 6.04
C LYS A 87 16.16 9.93 5.18
N SER A 88 16.47 9.30 4.06
CA SER A 88 15.48 8.76 3.15
C SER A 88 15.31 7.23 3.31
N PHE A 89 14.10 6.74 3.12
CA PHE A 89 13.81 5.30 3.28
C PHE A 89 13.00 4.73 2.10
N ILE A 90 13.16 3.43 1.91
CA ILE A 90 12.48 2.67 0.86
C ILE A 90 10.94 2.64 1.01
N ASN A 91 10.44 2.58 2.25
CA ASN A 91 8.99 2.46 2.44
C ASN A 91 8.50 3.02 3.76
N TYR A 92 7.19 2.92 4.01
CA TYR A 92 6.60 3.52 5.20
C TYR A 92 7.18 2.91 6.46
N GLN A 93 7.30 1.58 6.46
CA GLN A 93 7.66 0.89 7.68
C GLN A 93 9.06 1.27 8.18
N PHE A 94 10.05 1.32 7.28
CA PHE A 94 11.42 1.72 7.67
C PHE A 94 11.43 3.14 8.21
N MET A 95 10.76 4.03 7.50
CA MET A 95 10.62 5.43 7.87
C MET A 95 10.02 5.59 9.28
N SER A 96 8.91 4.88 9.51
CA SER A 96 8.20 4.98 10.77
C SER A 96 9.05 4.44 11.89
N SER A 97 9.66 3.29 11.61
CA SER A 97 10.52 2.63 12.57
C SER A 97 11.66 3.57 12.98
N HIS A 98 12.15 4.34 12.02
CA HIS A 98 13.26 5.26 12.25
C HIS A 98 12.81 6.37 13.14
N ILE A 99 11.76 7.05 12.71
CA ILE A 99 11.20 8.16 13.45
C ILE A 99 10.83 7.80 14.89
N LYS A 100 10.23 6.62 15.10
CA LYS A 100 9.86 6.22 16.45
C LYS A 100 11.09 5.96 17.34
N SER A 101 12.10 5.27 16.81
CA SER A 101 13.24 4.89 17.64
C SER A 101 14.24 6.02 17.81
N VAL A 102 14.45 6.79 16.76
CA VAL A 102 15.51 7.78 16.77
C VAL A 102 15.00 9.11 17.30
N HIS A 103 13.78 9.47 16.91
CA HIS A 103 13.23 10.78 17.23
C HIS A 103 12.12 10.70 18.29
N SER A 104 11.74 9.47 18.66
CA SER A 104 10.71 9.22 19.66
C SER A 104 9.43 9.96 19.37
N GLN A 105 8.99 9.87 18.12
CA GLN A 105 7.74 10.46 17.68
C GLN A 105 6.97 9.52 16.77
N ASP A 106 5.69 9.80 16.60
CA ASP A 106 4.80 8.96 15.81
C ASP A 106 4.34 9.72 14.59
N PRO A 107 4.56 9.12 13.40
CA PRO A 107 4.03 9.67 12.15
C PRO A 107 2.51 9.48 11.96
N SER A 108 1.89 8.60 12.74
N SER A 108 1.88 8.69 12.82
CA SER A 108 0.46 8.37 12.62
CA SER A 108 0.42 8.49 12.79
C SER A 108 -0.29 9.68 12.83
C SER A 108 -0.39 9.79 12.82
N GLY A 109 -0.29 10.13 14.08
N GLY A 109 -1.68 9.66 12.53
CA GLY A 109 -1.08 11.29 14.47
CA GLY A 109 -2.55 10.80 12.31
C GLY A 109 -0.47 12.64 14.15
C GLY A 109 -2.02 11.59 11.14
N ASP A 110 -1.31 13.50 13.58
N ASP A 110 -2.00 12.91 11.29
CA ASP A 110 -0.98 14.92 13.38
CA ASP A 110 -1.28 13.77 10.36
C ASP A 110 0.19 15.19 12.44
C ASP A 110 0.05 14.15 10.99
N SER A 111 1.23 15.78 13.01
N SER A 111 1.05 13.31 10.76
CA SER A 111 2.33 16.43 12.30
CA SER A 111 2.41 13.57 11.23
C SER A 111 2.85 15.75 11.03
C SER A 111 2.89 14.96 10.92
N LYS A 112 3.23 16.58 10.06
N LYS A 112 3.10 15.18 9.62
CA LYS A 112 3.96 16.12 8.88
CA LYS A 112 3.95 16.24 9.10
C LYS A 112 5.41 15.84 9.27
C LYS A 112 5.37 15.94 9.59
N LEU A 113 5.66 14.65 9.78
CA LEU A 113 6.99 14.22 10.23
C LEU A 113 7.83 13.68 9.09
N TYR A 114 7.18 13.26 8.01
CA TYR A 114 7.91 12.73 6.87
C TYR A 114 7.30 13.26 5.60
N ARG A 115 8.03 13.11 4.52
CA ARG A 115 7.58 13.54 3.21
C ARG A 115 7.69 12.35 2.31
N LEU A 116 6.65 12.11 1.51
CA LEU A 116 6.71 11.07 0.50
C LEU A 116 6.95 11.77 -0.84
N HIS A 117 8.07 11.46 -1.49
CA HIS A 117 8.35 11.99 -2.79
C HIS A 117 7.53 11.24 -3.87
N PRO A 118 7.18 11.96 -4.93
CA PRO A 118 6.68 11.33 -6.15
C PRO A 118 7.61 10.23 -6.66
N CYS A 119 7.04 9.14 -7.16
CA CYS A 119 7.81 8.06 -7.73
C CYS A 119 8.47 8.48 -9.07
N ARG A 120 9.79 8.42 -9.15
CA ARG A 120 10.49 8.83 -10.37
C ARG A 120 11.35 7.72 -10.96
N SER A 121 11.54 6.63 -10.21
CA SER A 121 12.42 5.57 -10.69
C SER A 121 11.66 4.63 -11.62
N LEU A 122 10.34 4.68 -11.58
CA LEU A 122 9.53 4.00 -12.61
C LEU A 122 8.22 4.74 -12.83
N GLN A 123 7.48 4.30 -13.83
CA GLN A 123 6.26 5.01 -14.21
C GLN A 123 5.02 4.42 -13.54
N ILE A 124 4.52 5.10 -12.50
CA ILE A 124 3.22 4.77 -11.91
C ILE A 124 2.37 6.01 -11.77
N ARG A 125 1.06 5.81 -11.61
CA ARG A 125 0.12 6.92 -11.43
C ARG A 125 0.61 7.90 -10.38
N GLN A 126 0.52 9.20 -10.69
CA GLN A 126 1.09 10.18 -9.79
C GLN A 126 0.05 11.08 -9.18
N TYR A 127 0.04 11.12 -7.86
CA TYR A 127 -0.91 11.94 -7.09
C TYR A 127 -0.46 13.39 -7.04
N ALA A 128 -1.29 14.29 -7.57
CA ALA A 128 -0.94 15.71 -7.67
C ALA A 128 -0.59 16.37 -6.33
N TYR A 129 -0.91 15.72 -5.22
CA TYR A 129 -0.66 16.32 -3.92
C TYR A 129 0.78 16.11 -3.45
N LEU A 130 1.49 15.19 -4.09
CA LEU A 130 2.88 14.88 -3.71
C LEU A 130 3.89 15.91 -4.24
N SER A 131 3.47 16.77 -5.16
CA SER A 131 4.35 17.81 -5.71
C SER A 131 4.48 19.00 -4.75
N1 5CM B 8 -7.04 -2.99 2.34
C2 5CM B 8 -6.21 -1.89 2.87
N3 5CM B 8 -4.90 -1.62 2.26
C4 5CM B 8 -4.43 -2.43 1.17
C5 5CM B 8 -5.26 -3.55 0.65
C5A 5CM B 8 -4.78 -4.42 -0.51
C6 5CM B 8 -6.58 -3.82 1.25
O2 5CM B 8 -6.60 -1.21 3.77
N4 5CM B 8 -3.12 -2.08 0.63
C1' 5CM B 8 -8.32 -3.21 3.01
C2' 5CM B 8 -9.34 -4.15 2.25
C3' 5CM B 8 -10.29 -4.42 3.38
C4' 5CM B 8 -9.50 -4.60 4.47
O4' 5CM B 8 -8.08 -3.88 4.10
O3' 5CM B 8 -11.00 -3.15 3.60
C5' 5CM B 8 -9.29 -6.05 4.78
O5' 5CM B 8 -8.95 -6.70 3.58
P 5CM B 8 -8.35 -8.22 3.64
OP1 5CM B 8 -9.21 -9.07 4.54
OP2 5CM B 8 -8.12 -8.77 2.23
N1 5CM B 10 -10.28 4.28 0.27
C2 5CM B 10 -8.95 4.18 -0.42
N3 5CM B 10 -8.67 3.10 -1.37
C4 5CM B 10 -9.69 2.11 -1.64
C5 5CM B 10 -11.00 2.18 -0.97
C5A 5CM B 10 -12.06 1.12 -1.27
C6 5CM B 10 -11.28 3.28 -0.02
O2 5CM B 10 -8.11 4.97 -0.22
N4 5CM B 10 -9.40 1.05 -2.58
C1' 5CM B 10 -10.55 5.36 1.22
C2' 5CM B 10 -11.87 6.15 0.93
C3' 5CM B 10 -12.34 6.61 2.32
C4' 5CM B 10 -11.54 5.97 3.20
O4' 5CM B 10 -10.75 4.83 2.38
O3' 5CM B 10 -12.08 8.06 2.56
C5' 5CM B 10 -12.33 5.32 4.28
O5' 5CM B 10 -13.26 4.48 3.69
P 5CM B 10 -14.31 3.63 4.67
OP1 5CM B 10 -14.73 4.51 5.83
OP2 5CM B 10 -15.48 3.16 3.83
N1 5CM C 8 -6.08 0.79 -7.35
C2 5CM C 8 -6.80 1.95 -6.77
N3 5CM C 8 -8.16 1.75 -6.22
C4 5CM C 8 -8.78 0.45 -6.22
C5 5CM C 8 -8.08 -0.72 -6.80
C5A 5CM C 8 -8.75 -2.10 -6.82
C6 5CM C 8 -6.72 -0.52 -7.37
O2 5CM C 8 -6.29 3.02 -6.77
N4 5CM C 8 -10.09 0.34 -5.65
C1' 5CM C 8 -4.75 1.03 -7.90
C2' 5CM C 8 -3.87 -0.26 -8.04
C3' 5CM C 8 -2.77 0.27 -8.91
C4' 5CM C 8 -3.39 1.12 -9.76
O4' 5CM C 8 -4.84 1.40 -9.13
O3' 5CM C 8 -1.97 1.10 -7.99
C5' 5CM C 8 -3.56 0.56 -11.13
O5' 5CM C 8 -3.90 -0.78 -10.99
P 5CM C 8 -4.39 -1.61 -12.31
OP1 5CM C 8 -3.35 -1.56 -13.42
OP2 5CM C 8 -4.75 -3.01 -11.88
N1 5CM C 10 -2.12 3.94 -0.18
C2 5CM C 10 -3.46 3.61 0.33
N3 5CM C 10 -4.04 2.29 -0.04
C4 5CM C 10 -3.29 1.36 -0.83
C5 5CM C 10 -1.94 1.70 -1.31
C5A 5CM C 10 -1.17 0.68 -2.14
C6 5CM C 10 -1.38 3.00 -0.99
O2 5CM C 10 -4.06 4.41 0.98
N4 5CM C 10 -3.84 0.08 -1.18
C1' 5CM C 10 -1.54 5.22 0.15
C2' 5CM C 10 -0.12 5.08 0.82
C3' 5CM C 10 0.70 6.21 0.23
C4' 5CM C 10 -0.09 6.80 -0.69
O4' 5CM C 10 -1.28 5.77 -1.01
O3' 5CM C 10 0.89 7.22 1.30
C5' 5CM C 10 0.59 7.15 -1.97
O5' 5CM C 10 1.27 6.02 -2.40
P 5CM C 10 1.96 6.09 -3.89
OP1 5CM C 10 2.47 7.47 -4.21
OP2 5CM C 10 2.97 5.00 -4.04
ZN ZN D . -11.34 -14.95 -0.52
ZN ZN E . 11.00 -8.53 -9.69
ZN ZN F . 15.33 11.18 11.15
CL CL G . 15.94 8.35 -4.34
#